data_3RY7
#
_entry.id   3RY7
#
_cell.length_a   93.752
_cell.length_b   93.752
_cell.length_c   165.270
_cell.angle_alpha   90.00
_cell.angle_beta   90.00
_cell.angle_gamma   120.00
#
_symmetry.space_group_name_H-M   'P 65 2 2'
#
loop_
_entity.id
_entity.type
_entity.pdbx_description
1 polymer Ribokinase
2 non-polymer GLYCEROL
3 water water
#
_entity_poly.entity_id   1
_entity_poly.type   'polypeptide(L)'
_entity_poly.pdbx_seq_one_letter_code
;MTNKVVILGSTNVDQFLTVERYAQPGETLHVEEAQKAFGGGKGANQAIATARMQADTTFITKIGTDGVADFILEDFKVAH
IDTSYIIKTAEAKTGQAFITVNAEGQNTIYVYGGANMTMTPEDVINAKDAIINADFVVAQLEVPIPAIISAFEIAKAHGV
TTVLNPAPAKALPNELLSLIDIIVPNETEAELLSGIKVTNEQSMKDNANYFLSIGIKTVLITLGKQGTYFATKNQSQHIE
AYKVNAIDTTAAGDTFIGAFVSRLNKSQDNLADAIDFGNKASSLTVQKHGAQASIPLLEEVNQV
;
_entity_poly.pdbx_strand_id   A
#
loop_
_chem_comp.id
_chem_comp.type
_chem_comp.name
_chem_comp.formula
GOL non-polymer GLYCEROL 'C3 H8 O3'
#
# COMPACT_ATOMS: atom_id res chain seq x y z
N THR A 2 3.54 -20.67 -1.97
CA THR A 2 2.57 -19.58 -1.87
C THR A 2 2.21 -19.18 -0.43
N ASN A 3 2.46 -17.92 -0.09
CA ASN A 3 2.12 -17.36 1.21
C ASN A 3 0.62 -17.12 1.39
N LYS A 4 0.14 -17.29 2.62
CA LYS A 4 -1.18 -16.82 2.99
C LYS A 4 -1.04 -15.40 3.52
N VAL A 5 -1.69 -14.46 2.86
CA VAL A 5 -1.51 -13.06 3.18
C VAL A 5 -2.87 -12.42 3.49
N VAL A 6 -2.96 -11.76 4.64
CA VAL A 6 -4.12 -10.93 4.94
C VAL A 6 -3.67 -9.50 4.85
N ILE A 7 -4.40 -8.70 4.08
CA ILE A 7 -4.17 -7.26 4.05
C ILE A 7 -5.24 -6.58 4.89
N LEU A 8 -4.82 -5.68 5.73
CA LEU A 8 -5.72 -4.84 6.45
C LEU A 8 -5.50 -3.44 5.99
N GLY A 9 -6.51 -2.85 5.38
CA GLY A 9 -6.32 -1.50 4.90
C GLY A 9 -7.46 -0.88 4.12
N SER A 10 -7.12 0.19 3.39
CA SER A 10 -8.10 1.09 2.81
C SER A 10 -8.54 0.70 1.41
N THR A 11 -9.79 1.02 1.10
CA THR A 11 -10.26 1.01 -0.28
C THR A 11 -10.77 2.41 -0.58
N ASN A 12 -10.27 2.98 -1.68
CA ASN A 12 -10.64 4.34 -2.06
C ASN A 12 -11.21 4.35 -3.48
N VAL A 13 -12.15 5.26 -3.74
CA VAL A 13 -12.47 5.57 -5.13
C VAL A 13 -11.71 6.84 -5.51
N ASP A 14 -10.75 6.70 -6.41
CA ASP A 14 -9.97 7.84 -6.88
C ASP A 14 -10.70 8.60 -7.98
N GLN A 15 -10.99 9.87 -7.75
CA GLN A 15 -11.56 10.74 -8.78
C GLN A 15 -10.50 11.58 -9.46
N PHE A 16 -10.21 11.26 -10.70
CA PHE A 16 -9.19 11.97 -11.48
C PHE A 16 -9.79 13.04 -12.40
N LEU A 17 -9.31 14.27 -12.22
CA LEU A 17 -9.62 15.37 -13.14
C LEU A 17 -8.34 15.80 -13.84
N THR A 18 -8.26 15.58 -15.15
CA THR A 18 -7.07 15.98 -15.90
C THR A 18 -7.25 17.38 -16.44
N VAL A 19 -6.43 18.30 -15.97
CA VAL A 19 -6.40 19.64 -16.51
C VAL A 19 -5.12 19.85 -17.32
N GLU A 20 -4.97 21.06 -17.86
CA GLU A 20 -3.76 21.41 -18.58
C GLU A 20 -2.90 22.14 -17.58
N ARG A 21 -3.46 23.13 -16.93
CA ARG A 21 -2.74 23.81 -15.92
C ARG A 21 -3.62 24.02 -14.72
N TYR A 22 -3.05 23.84 -13.55
CA TYR A 22 -3.76 24.00 -12.30
C TYR A 22 -4.29 25.41 -12.21
N ALA A 23 -5.56 25.56 -11.84
CA ALA A 23 -6.09 26.88 -11.56
C ALA A 23 -5.36 27.41 -10.37
N GLN A 24 -5.48 28.70 -10.14
CA GLN A 24 -4.93 29.33 -8.97
C GLN A 24 -6.09 29.88 -8.17
N PRO A 25 -5.84 30.23 -6.92
CA PRO A 25 -6.88 30.71 -6.01
C PRO A 25 -7.72 31.81 -6.67
N GLY A 26 -9.05 31.65 -6.63
CA GLY A 26 -9.96 32.65 -7.18
C GLY A 26 -10.20 32.52 -8.67
N GLU A 27 -9.40 31.71 -9.35
CA GLU A 27 -9.51 31.54 -10.80
C GLU A 27 -10.61 30.56 -11.21
N THR A 28 -11.02 30.64 -12.47
CA THR A 28 -11.92 29.67 -13.08
C THR A 28 -11.36 29.22 -14.41
N LEU A 29 -10.84 28.01 -14.46
CA LEU A 29 -10.37 27.43 -15.70
C LEU A 29 -11.42 26.49 -16.27
N HIS A 30 -11.19 26.04 -17.50
CA HIS A 30 -12.13 25.14 -18.18
C HIS A 30 -11.42 23.82 -18.50
N VAL A 31 -12.13 22.70 -18.33
CA VAL A 31 -11.51 21.39 -18.50
C VAL A 31 -12.23 20.57 -19.59
N GLU A 32 -11.55 19.60 -20.17
CA GLU A 32 -12.11 18.85 -21.28
C GLU A 32 -13.04 17.76 -20.88
N GLU A 33 -12.77 17.13 -19.75
CA GLU A 33 -13.54 16.00 -19.27
C GLU A 33 -13.95 16.16 -17.84
N ALA A 34 -14.90 15.36 -17.40
CA ALA A 34 -15.33 15.32 -16.02
C ALA A 34 -14.39 14.38 -15.26
N GLN A 35 -14.72 14.12 -14.00
CA GLN A 35 -13.92 13.21 -13.18
C GLN A 35 -14.08 11.77 -13.66
N LYS A 36 -12.99 11.07 -13.80
CA LYS A 36 -13.06 9.67 -14.03
C LYS A 36 -12.71 8.91 -12.77
N ALA A 37 -13.49 7.89 -12.48
CA ALA A 37 -13.32 7.15 -11.24
C ALA A 37 -12.48 5.92 -11.50
N PHE A 38 -11.50 5.69 -10.63
CA PHE A 38 -10.68 4.49 -10.70
C PHE A 38 -10.51 3.92 -9.29
N GLY A 39 -10.13 2.64 -9.21
CA GLY A 39 -9.89 2.01 -7.92
C GLY A 39 -8.62 2.53 -7.31
N GLY A 40 -8.65 2.72 -5.99
CA GLY A 40 -7.50 3.20 -5.25
C GLY A 40 -7.51 2.71 -3.79
N GLY A 41 -6.73 3.34 -2.94
CA GLY A 41 -6.51 2.84 -1.59
C GLY A 41 -5.26 1.98 -1.51
N LYS A 42 -4.37 2.36 -0.59
CA LYS A 42 -3.13 1.60 -0.35
C LYS A 42 -3.48 0.14 -0.10
N GLY A 43 -4.51 -0.11 0.73
CA GLY A 43 -4.92 -1.47 1.02
C GLY A 43 -5.39 -2.22 -0.20
N ALA A 44 -6.30 -1.62 -0.97
CA ALA A 44 -6.76 -2.26 -2.22
C ALA A 44 -5.59 -2.52 -3.20
N ASN A 45 -4.71 -1.53 -3.36
CA ASN A 45 -3.55 -1.67 -4.22
C ASN A 45 -2.70 -2.86 -3.78
N GLN A 46 -2.38 -2.90 -2.50
CA GLN A 46 -1.47 -3.93 -1.99
C GLN A 46 -2.12 -5.30 -2.05
N ALA A 47 -3.44 -5.33 -1.80
CA ALA A 47 -4.19 -6.57 -1.85
C ALA A 47 -4.22 -7.15 -3.27
N ILE A 48 -4.49 -6.31 -4.25
CA ILE A 48 -4.52 -6.74 -5.64
C ILE A 48 -3.12 -7.17 -6.11
N ALA A 49 -2.09 -6.44 -5.67
CA ALA A 49 -0.71 -6.85 -5.98
C ALA A 49 -0.37 -8.22 -5.41
N THR A 50 -0.56 -8.42 -4.10
CA THR A 50 -0.19 -9.71 -3.52
C THR A 50 -1.00 -10.82 -4.18
N ALA A 51 -2.27 -10.54 -4.47
CA ALA A 51 -3.15 -11.55 -5.08
C ALA A 51 -2.77 -11.87 -6.54
N ARG A 52 -2.36 -10.85 -7.28
CA ARG A 52 -1.90 -11.09 -8.65
C ARG A 52 -0.55 -11.79 -8.65
N MET A 53 0.17 -11.71 -7.55
CA MET A 53 1.39 -12.50 -7.37
C MET A 53 1.07 -13.91 -6.90
N GLN A 54 -0.22 -14.22 -6.84
CA GLN A 54 -0.72 -15.55 -6.50
C GLN A 54 -0.54 -15.98 -5.02
N ALA A 55 -0.33 -15.01 -4.14
CA ALA A 55 -0.44 -15.27 -2.71
C ALA A 55 -1.92 -15.55 -2.40
N ASP A 56 -2.15 -16.41 -1.41
CA ASP A 56 -3.50 -16.68 -0.90
C ASP A 56 -3.96 -15.44 -0.16
N THR A 57 -4.78 -14.62 -0.81
CA THR A 57 -5.09 -13.29 -0.26
C THR A 57 -6.50 -13.09 0.31
N THR A 58 -6.55 -12.46 1.47
CA THR A 58 -7.78 -12.04 2.11
C THR A 58 -7.63 -10.56 2.43
N PHE A 59 -8.66 -9.77 2.18
CA PHE A 59 -8.59 -8.32 2.36
C PHE A 59 -9.66 -7.87 3.33
N ILE A 60 -9.22 -7.28 4.44
CA ILE A 60 -10.10 -6.72 5.44
C ILE A 60 -10.15 -5.23 5.19
N THR A 61 -11.30 -4.74 4.75
CA THR A 61 -11.39 -3.35 4.39
C THR A 61 -12.81 -2.91 4.71
N LYS A 62 -13.00 -1.62 4.90
CA LYS A 62 -14.31 -1.09 5.25
C LYS A 62 -14.74 -0.01 4.28
N ILE A 63 -15.80 -0.29 3.54
CA ILE A 63 -16.39 0.69 2.63
C ILE A 63 -17.78 1.10 3.12
N GLY A 64 -18.39 2.02 2.39
CA GLY A 64 -19.71 2.48 2.75
C GLY A 64 -20.79 1.61 2.12
N THR A 65 -22.04 2.01 2.32
CA THR A 65 -23.16 1.33 1.72
C THR A 65 -23.66 2.13 0.51
N ASP A 66 -22.79 3.00 0.00
CA ASP A 66 -23.12 3.85 -1.15
C ASP A 66 -22.87 3.17 -2.49
N GLY A 67 -22.22 2.01 -2.49
CA GLY A 67 -22.03 1.27 -3.71
C GLY A 67 -21.00 1.85 -4.67
N VAL A 68 -20.29 2.89 -4.26
CA VAL A 68 -19.38 3.56 -5.19
C VAL A 68 -18.13 2.72 -5.49
N ALA A 69 -17.81 1.75 -4.65
CA ALA A 69 -16.66 0.88 -4.89
C ALA A 69 -17.06 -0.51 -5.37
N ASP A 70 -18.31 -0.67 -5.78
CA ASP A 70 -18.78 -1.97 -6.24
C ASP A 70 -17.94 -2.48 -7.42
N PHE A 71 -17.41 -1.57 -8.22
CA PHE A 71 -16.62 -2.02 -9.36
C PHE A 71 -15.29 -2.55 -8.88
N ILE A 72 -14.78 -1.98 -7.80
CA ILE A 72 -13.57 -2.47 -7.17
C ILE A 72 -13.78 -3.87 -6.61
N LEU A 73 -14.90 -4.09 -5.94
CA LEU A 73 -15.19 -5.41 -5.38
C LEU A 73 -15.17 -6.47 -6.49
N GLU A 74 -15.65 -6.10 -7.66
CA GLU A 74 -15.59 -7.01 -8.80
C GLU A 74 -14.14 -7.33 -9.17
N ASP A 75 -13.30 -6.31 -9.15
CA ASP A 75 -11.88 -6.52 -9.43
C ASP A 75 -11.25 -7.43 -8.38
N PHE A 76 -11.67 -7.28 -7.12
CA PHE A 76 -11.17 -8.13 -6.06
C PHE A 76 -11.50 -9.59 -6.40
N LYS A 77 -12.75 -9.81 -6.80
CA LYS A 77 -13.22 -11.16 -7.11
C LYS A 77 -12.46 -11.77 -8.29
N VAL A 78 -12.27 -10.99 -9.34
CA VAL A 78 -11.48 -11.45 -10.49
C VAL A 78 -10.07 -11.85 -10.07
N ALA A 79 -9.54 -11.19 -9.04
CA ALA A 79 -8.20 -11.51 -8.58
C ALA A 79 -8.19 -12.67 -7.57
N HIS A 80 -9.37 -13.18 -7.26
CA HIS A 80 -9.52 -14.27 -6.30
C HIS A 80 -9.14 -13.89 -4.87
N ILE A 81 -9.35 -12.62 -4.55
CA ILE A 81 -9.19 -12.18 -3.18
C ILE A 81 -10.42 -12.59 -2.39
N ASP A 82 -10.21 -13.22 -1.24
CA ASP A 82 -11.34 -13.63 -0.41
C ASP A 82 -11.96 -12.37 0.20
N THR A 83 -13.22 -12.13 -0.12
CA THR A 83 -13.89 -10.89 0.28
C THR A 83 -14.86 -11.08 1.45
N SER A 84 -14.81 -12.26 2.08
CA SER A 84 -15.68 -12.62 3.20
C SER A 84 -15.69 -11.63 4.35
N TYR A 85 -14.61 -10.88 4.50
CA TYR A 85 -14.45 -10.06 5.68
C TYR A 85 -14.55 -8.57 5.40
N ILE A 86 -14.90 -8.21 4.17
CA ILE A 86 -15.13 -6.80 3.85
C ILE A 86 -16.37 -6.28 4.56
N ILE A 87 -16.23 -5.11 5.18
CA ILE A 87 -17.28 -4.51 5.99
C ILE A 87 -17.93 -3.34 5.25
N LYS A 88 -19.26 -3.22 5.34
CA LYS A 88 -19.97 -2.06 4.78
C LYS A 88 -20.66 -1.32 5.89
N THR A 89 -20.55 -0.01 5.87
CA THR A 89 -21.12 0.80 6.93
C THR A 89 -21.86 2.01 6.33
N ALA A 90 -22.94 2.39 7.01
CA ALA A 90 -23.73 3.56 6.62
C ALA A 90 -23.25 4.75 7.42
N GLU A 91 -22.31 4.51 8.32
CA GLU A 91 -21.71 5.55 9.15
C GLU A 91 -20.96 6.61 8.34
N ALA A 92 -20.43 6.20 7.20
CA ALA A 92 -19.62 7.10 6.38
C ALA A 92 -19.70 6.63 4.93
N LYS A 93 -19.47 7.54 4.01
CA LYS A 93 -19.38 7.18 2.62
C LYS A 93 -18.04 6.46 2.39
N THR A 94 -17.95 5.72 1.30
CA THR A 94 -16.71 5.06 0.96
C THR A 94 -15.57 6.06 0.87
N GLY A 95 -14.39 5.66 1.32
CA GLY A 95 -13.21 6.51 1.23
C GLY A 95 -12.96 6.93 -0.20
N GLN A 96 -12.44 8.14 -0.39
CA GLN A 96 -12.23 8.69 -1.73
C GLN A 96 -10.99 9.58 -1.81
N ALA A 97 -10.39 9.62 -2.99
CA ALA A 97 -9.32 10.55 -3.26
C ALA A 97 -9.67 11.43 -4.45
N PHE A 98 -9.38 12.71 -4.33
CA PHE A 98 -9.65 13.67 -5.38
C PHE A 98 -8.33 14.20 -5.91
N ILE A 99 -8.01 13.77 -7.12
CA ILE A 99 -6.70 13.96 -7.72
C ILE A 99 -6.76 14.82 -8.99
N THR A 100 -6.11 15.97 -8.97
CA THR A 100 -6.03 16.82 -10.16
C THR A 100 -4.67 16.66 -10.83
N VAL A 101 -4.67 16.13 -12.06
CA VAL A 101 -3.45 15.97 -12.86
C VAL A 101 -3.26 17.14 -13.83
N ASN A 102 -2.04 17.66 -13.96
CA ASN A 102 -1.79 18.65 -15.01
C ASN A 102 -1.12 18.07 -16.25
N ALA A 103 -0.84 18.92 -17.24
CA ALA A 103 -0.25 18.45 -18.50
C ALA A 103 1.08 17.72 -18.28
N GLU A 104 1.90 18.25 -17.38
CA GLU A 104 3.13 17.60 -17.01
C GLU A 104 2.98 16.21 -16.35
N GLY A 105 1.97 16.06 -15.51
CA GLY A 105 1.73 14.81 -14.85
C GLY A 105 1.80 14.88 -13.35
N GLN A 106 1.88 16.10 -12.86
CA GLN A 106 1.88 16.33 -11.43
C GLN A 106 0.53 15.87 -10.87
N ASN A 107 0.55 15.12 -9.79
CA ASN A 107 -0.66 14.77 -9.07
C ASN A 107 -0.79 15.68 -7.86
N THR A 108 -1.93 16.33 -7.72
CA THR A 108 -2.27 17.00 -6.48
C THR A 108 -3.45 16.25 -5.88
N ILE A 109 -3.28 15.71 -4.67
CA ILE A 109 -4.26 14.79 -4.10
C ILE A 109 -4.85 15.21 -2.76
N TYR A 110 -6.17 15.10 -2.63
CA TYR A 110 -6.83 15.16 -1.33
C TYR A 110 -7.45 13.80 -1.00
N VAL A 111 -7.32 13.37 0.26
CA VAL A 111 -7.82 12.07 0.67
C VAL A 111 -8.93 12.21 1.73
N TYR A 112 -10.06 11.59 1.45
CA TYR A 112 -11.16 11.54 2.39
C TYR A 112 -11.16 10.16 3.00
N GLY A 113 -10.99 10.10 4.32
CA GLY A 113 -10.91 8.83 5.02
C GLY A 113 -12.17 8.00 4.88
N GLY A 114 -13.32 8.64 5.10
CA GLY A 114 -14.61 7.96 4.98
C GLY A 114 -14.67 6.66 5.77
N ALA A 115 -15.31 5.66 5.20
CA ALA A 115 -15.49 4.35 5.86
C ALA A 115 -14.18 3.72 6.36
N ASN A 116 -13.09 3.93 5.62
CA ASN A 116 -11.79 3.42 6.02
C ASN A 116 -11.42 3.82 7.44
N MET A 117 -11.65 5.08 7.76
CA MET A 117 -11.28 5.62 9.07
C MET A 117 -12.36 5.41 10.14
N THR A 118 -13.37 4.60 9.84
CA THR A 118 -14.29 4.17 10.89
C THR A 118 -14.01 2.71 11.31
N MET A 119 -12.97 2.10 10.75
CA MET A 119 -12.71 0.69 11.07
C MET A 119 -12.27 0.60 12.51
N THR A 120 -12.89 -0.30 13.27
CA THR A 120 -12.63 -0.44 14.71
C THR A 120 -12.01 -1.79 15.07
N PRO A 121 -11.48 -1.92 16.29
CA PRO A 121 -10.97 -3.24 16.71
C PRO A 121 -12.03 -4.32 16.60
N GLU A 122 -13.28 -3.98 16.88
CA GLU A 122 -14.33 -4.95 16.71
C GLU A 122 -14.56 -5.41 15.30
N ASP A 123 -14.41 -4.52 14.34
CA ASP A 123 -14.43 -4.91 12.93
C ASP A 123 -13.34 -5.94 12.70
N VAL A 124 -12.17 -5.69 13.27
CA VAL A 124 -11.02 -6.57 13.09
C VAL A 124 -11.21 -7.92 13.79
N ILE A 125 -11.59 -7.89 15.06
CA ILE A 125 -11.83 -9.12 15.84
C ILE A 125 -12.76 -10.00 15.06
N ASN A 126 -13.78 -9.36 14.51
CA ASN A 126 -14.76 -10.05 13.70
C ASN A 126 -14.12 -10.88 12.59
N ALA A 127 -12.93 -10.49 12.14
CA ALA A 127 -12.28 -11.17 11.01
C ALA A 127 -11.11 -12.07 11.43
N LYS A 128 -11.02 -12.38 12.73
CA LYS A 128 -9.83 -13.02 13.29
C LYS A 128 -9.44 -14.34 12.64
N ASP A 129 -10.42 -15.06 12.09
CA ASP A 129 -10.12 -16.35 11.50
C ASP A 129 -9.09 -16.22 10.38
N ALA A 130 -9.26 -15.19 9.57
CA ALA A 130 -8.35 -14.90 8.46
C ALA A 130 -6.93 -14.66 8.96
N ILE A 131 -6.80 -13.83 9.99
CA ILE A 131 -5.51 -13.49 10.56
C ILE A 131 -4.79 -14.71 11.15
N ILE A 132 -5.48 -15.47 12.00
CA ILE A 132 -4.85 -16.58 12.68
C ILE A 132 -4.20 -17.57 11.72
N ASN A 133 -4.81 -17.79 10.56
CA ASN A 133 -4.29 -18.79 9.64
C ASN A 133 -3.38 -18.22 8.56
N ALA A 134 -2.99 -16.95 8.73
CA ALA A 134 -2.12 -16.29 7.76
C ALA A 134 -0.63 -16.49 8.07
N ASP A 135 0.20 -16.37 7.04
CA ASP A 135 1.65 -16.25 7.21
C ASP A 135 2.07 -14.80 7.50
N PHE A 136 1.40 -13.86 6.83
CA PHE A 136 1.65 -12.43 7.03
C PHE A 136 0.36 -11.66 7.08
N VAL A 137 0.34 -10.63 7.90
CA VAL A 137 -0.70 -9.62 7.81
C VAL A 137 -0.02 -8.27 7.52
N VAL A 138 -0.56 -7.54 6.54
CA VAL A 138 0.03 -6.27 6.12
C VAL A 138 -0.97 -5.14 6.31
N ALA A 139 -0.54 -4.06 6.95
CA ALA A 139 -1.40 -2.91 7.15
C ALA A 139 -0.73 -1.64 6.65
N GLN A 140 -1.53 -0.62 6.38
CA GLN A 140 -1.07 0.72 6.11
C GLN A 140 -1.84 1.70 6.97
N LEU A 141 -1.46 2.95 6.92
CA LEU A 141 -2.06 3.93 7.81
C LEU A 141 -3.26 4.69 7.23
N GLU A 142 -3.92 4.15 6.20
CA GLU A 142 -5.19 4.73 5.72
C GLU A 142 -6.38 4.11 6.46
N VAL A 143 -6.07 3.44 7.56
CA VAL A 143 -7.04 2.82 8.44
C VAL A 143 -6.59 3.18 9.88
N PRO A 144 -7.52 3.12 10.87
CA PRO A 144 -7.10 3.71 12.15
C PRO A 144 -6.12 2.83 12.92
N ILE A 145 -5.20 3.50 13.62
CA ILE A 145 -4.20 2.81 14.42
C ILE A 145 -4.76 1.76 15.40
N PRO A 146 -5.84 2.08 16.16
CA PRO A 146 -6.39 1.07 17.08
C PRO A 146 -6.87 -0.19 16.34
N ALA A 147 -7.36 -0.06 15.11
CA ALA A 147 -7.70 -1.24 14.35
C ALA A 147 -6.44 -2.06 14.00
N ILE A 148 -5.38 -1.37 13.63
CA ILE A 148 -4.14 -2.05 13.27
C ILE A 148 -3.53 -2.75 14.50
N ILE A 149 -3.51 -2.07 15.64
CA ILE A 149 -3.02 -2.65 16.88
C ILE A 149 -3.74 -3.96 17.18
N SER A 150 -5.06 -3.95 17.01
CA SER A 150 -5.83 -5.13 17.36
C SER A 150 -5.55 -6.32 16.42
N ALA A 151 -5.33 -6.01 15.14
CA ALA A 151 -5.02 -7.05 14.17
C ALA A 151 -3.60 -7.62 14.43
N PHE A 152 -2.69 -6.74 14.82
CA PHE A 152 -1.30 -7.15 15.07
C PHE A 152 -1.18 -7.92 16.40
N GLU A 153 -2.04 -7.61 17.36
CA GLU A 153 -2.09 -8.38 18.63
C GLU A 153 -2.50 -9.82 18.37
N ILE A 154 -3.54 -9.98 17.58
CA ILE A 154 -3.99 -11.30 17.16
C ILE A 154 -2.92 -12.07 16.40
N ALA A 155 -2.30 -11.39 15.42
CA ALA A 155 -1.26 -12.00 14.61
C ALA A 155 -0.09 -12.46 15.49
N LYS A 156 0.45 -11.53 16.26
CA LYS A 156 1.64 -11.77 17.08
C LYS A 156 1.40 -12.89 18.08
N ALA A 157 0.19 -12.93 18.65
CA ALA A 157 -0.17 -13.91 19.66
C ALA A 157 -0.18 -15.31 19.08
N HIS A 158 -0.49 -15.42 17.79
CA HIS A 158 -0.52 -16.71 17.12
C HIS A 158 0.66 -16.98 16.16
N GLY A 159 1.79 -16.29 16.35
CA GLY A 159 2.98 -16.54 15.53
C GLY A 159 2.92 -16.05 14.09
N VAL A 160 1.97 -15.17 13.79
CA VAL A 160 1.83 -14.63 12.43
C VAL A 160 2.67 -13.35 12.27
N THR A 161 3.49 -13.31 11.22
CA THR A 161 4.39 -12.16 10.97
C THR A 161 3.64 -10.87 10.63
N THR A 162 3.93 -9.80 11.35
CA THR A 162 3.28 -8.53 11.07
C THR A 162 4.14 -7.59 10.22
N VAL A 163 3.51 -6.94 9.24
CA VAL A 163 4.23 -5.98 8.42
C VAL A 163 3.46 -4.67 8.25
N LEU A 164 4.09 -3.57 8.66
CA LEU A 164 3.47 -2.27 8.60
C LEU A 164 4.16 -1.38 7.56
N ASN A 165 3.38 -0.91 6.60
CA ASN A 165 3.79 0.15 5.69
C ASN A 165 3.26 1.46 6.25
N PRO A 166 4.13 2.22 6.94
CA PRO A 166 3.69 3.35 7.76
C PRO A 166 3.41 4.60 6.94
N ALA A 167 2.46 4.48 6.01
CA ALA A 167 2.15 5.51 5.01
C ALA A 167 0.64 5.70 4.98
N PRO A 168 0.18 6.94 4.90
CA PRO A 168 1.02 8.15 4.91
C PRO A 168 1.65 8.36 6.29
N ALA A 169 2.78 9.06 6.31
CA ALA A 169 3.53 9.30 7.53
C ALA A 169 2.66 9.83 8.66
N LYS A 170 2.82 9.22 9.83
CA LYS A 170 2.25 9.78 11.04
C LYS A 170 2.91 9.14 12.27
N ALA A 171 2.78 9.79 13.41
CA ALA A 171 3.40 9.30 14.64
C ALA A 171 2.67 8.03 15.10
N LEU A 172 3.44 7.06 15.57
CA LEU A 172 2.87 5.81 16.07
C LEU A 172 3.11 5.67 17.57
N PRO A 173 2.13 5.10 18.29
CA PRO A 173 2.32 4.80 19.71
C PRO A 173 3.10 3.50 19.92
N ASN A 174 3.75 3.39 21.08
CA ASN A 174 4.55 2.21 21.39
C ASN A 174 3.71 0.95 21.34
N GLU A 175 2.45 1.09 21.75
CA GLU A 175 1.52 -0.03 21.70
C GLU A 175 1.49 -0.69 20.31
N LEU A 176 1.75 0.11 19.26
CA LEU A 176 1.78 -0.43 17.91
C LEU A 176 3.20 -0.80 17.52
N LEU A 177 4.13 0.10 17.79
CA LEU A 177 5.52 -0.08 17.39
C LEU A 177 6.03 -1.43 17.85
N SER A 178 5.60 -1.83 19.04
CA SER A 178 6.11 -3.04 19.67
C SER A 178 5.47 -4.31 19.11
N LEU A 179 4.54 -4.13 18.17
CA LEU A 179 3.85 -5.27 17.58
C LEU A 179 4.32 -5.56 16.15
N ILE A 180 5.19 -4.70 15.63
CA ILE A 180 5.61 -4.77 14.23
C ILE A 180 6.85 -5.63 14.04
N ASP A 181 6.76 -6.64 13.19
CA ASP A 181 7.90 -7.49 12.85
C ASP A 181 8.74 -6.91 11.69
N ILE A 182 8.05 -6.36 10.69
CA ILE A 182 8.69 -5.81 9.50
C ILE A 182 8.11 -4.43 9.23
N ILE A 183 8.96 -3.41 9.23
CA ILE A 183 8.49 -2.08 8.91
C ILE A 183 9.08 -1.61 7.57
N VAL A 184 8.25 -0.97 6.75
CA VAL A 184 8.65 -0.59 5.37
C VAL A 184 8.30 0.86 5.05
N PRO A 185 8.96 1.82 5.72
CA PRO A 185 8.73 3.22 5.38
C PRO A 185 9.45 3.63 4.09
N ASN A 186 9.14 4.80 3.58
CA ASN A 186 9.98 5.42 2.58
C ASN A 186 10.90 6.34 3.39
N GLU A 187 11.72 7.15 2.72
CA GLU A 187 12.69 8.01 3.41
C GLU A 187 12.00 9.01 4.32
N THR A 188 10.86 9.50 3.85
CA THR A 188 10.16 10.54 4.59
C THR A 188 9.52 9.95 5.84
N GLU A 189 8.95 8.76 5.70
CA GLU A 189 8.31 8.06 6.81
C GLU A 189 9.31 7.59 7.86
N ALA A 190 10.48 7.12 7.40
CA ALA A 190 11.55 6.72 8.30
C ALA A 190 11.94 7.86 9.23
N GLU A 191 12.20 9.01 8.66
CA GLU A 191 12.66 10.20 9.42
CA GLU A 191 12.63 10.17 9.40
C GLU A 191 11.64 10.75 10.40
N LEU A 192 10.37 10.61 10.11
CA LEU A 192 9.33 11.06 11.03
C LEU A 192 9.28 10.13 12.24
N LEU A 193 9.58 8.86 12.02
CA LEU A 193 9.53 7.87 13.09
C LEU A 193 10.83 7.85 13.92
N SER A 194 11.97 7.93 13.24
CA SER A 194 13.26 7.84 13.90
C SER A 194 13.79 9.19 14.38
N GLY A 195 13.38 10.26 13.69
CA GLY A 195 13.89 11.59 13.98
C GLY A 195 15.16 11.81 13.18
N ILE A 196 15.57 10.79 12.44
CA ILE A 196 16.84 10.80 11.68
C ILE A 196 16.63 10.84 10.18
N LYS A 197 17.09 11.91 9.53
CA LYS A 197 16.97 12.05 8.08
C LYS A 197 17.73 10.97 7.30
N VAL A 198 17.18 10.60 6.16
CA VAL A 198 17.80 9.60 5.30
C VAL A 198 18.58 10.31 4.21
N THR A 199 19.90 10.13 4.23
CA THR A 199 20.81 10.76 3.26
C THR A 199 21.89 9.80 2.76
N ASN A 200 22.91 9.55 3.57
CA ASN A 200 23.97 8.60 3.22
C ASN A 200 23.66 7.25 3.85
N GLU A 201 24.40 6.21 3.46
CA GLU A 201 24.18 4.89 4.00
C GLU A 201 24.29 4.84 5.53
N GLN A 202 25.07 5.75 6.10
CA GLN A 202 25.23 5.83 7.57
C GLN A 202 23.92 6.20 8.27
N SER A 203 23.15 7.08 7.64
CA SER A 203 21.85 7.51 8.18
C SER A 203 20.84 6.36 8.08
N MET A 204 21.02 5.51 7.08
CA MET A 204 20.20 4.33 6.92
C MET A 204 20.51 3.33 8.03
N LYS A 205 21.78 3.13 8.32
CA LYS A 205 22.18 2.33 9.43
C LYS A 205 21.60 2.90 10.71
N ASP A 206 21.70 4.20 10.87
CA ASP A 206 21.19 4.85 12.09
C ASP A 206 19.68 4.67 12.24
N ASN A 207 18.96 4.79 11.14
CA ASN A 207 17.51 4.52 11.11
C ASN A 207 17.19 3.08 11.48
N ALA A 208 17.76 2.13 10.75
CA ALA A 208 17.62 0.72 11.08
C ALA A 208 17.84 0.48 12.58
N ASN A 209 18.90 1.06 13.13
CA ASN A 209 19.26 0.81 14.51
C ASN A 209 18.21 1.32 15.48
N TYR A 210 17.60 2.44 15.12
CA TYR A 210 16.46 2.93 15.87
C TYR A 210 15.36 1.88 15.89
N PHE A 211 14.95 1.40 14.70
CA PHE A 211 13.85 0.43 14.64
C PHE A 211 14.17 -0.88 15.34
N LEU A 212 15.37 -1.41 15.13
CA LEU A 212 15.78 -2.62 15.81
C LEU A 212 15.71 -2.42 17.32
N SER A 213 16.12 -1.25 17.79
CA SER A 213 16.19 -1.04 19.24
C SER A 213 14.81 -1.06 19.89
N ILE A 214 13.78 -0.77 19.10
CA ILE A 214 12.44 -0.75 19.68
C ILE A 214 11.67 -2.03 19.40
N GLY A 215 12.38 -3.04 18.89
CA GLY A 215 11.83 -4.38 18.81
C GLY A 215 11.41 -4.84 17.42
N ILE A 216 11.49 -3.95 16.43
CA ILE A 216 11.19 -4.34 15.05
C ILE A 216 12.35 -5.16 14.47
N LYS A 217 12.06 -6.39 14.07
CA LYS A 217 13.12 -7.32 13.66
C LYS A 217 13.70 -7.08 12.27
N THR A 218 12.88 -6.54 11.37
CA THR A 218 13.29 -6.33 9.99
C THR A 218 12.87 -4.97 9.52
N VAL A 219 13.82 -4.25 8.93
CA VAL A 219 13.62 -2.88 8.50
C VAL A 219 13.95 -2.77 7.02
N LEU A 220 13.02 -2.19 6.26
CA LEU A 220 13.28 -1.77 4.87
C LEU A 220 13.00 -0.30 4.76
N ILE A 221 13.90 0.42 4.08
CA ILE A 221 13.60 1.79 3.74
C ILE A 221 13.60 1.89 2.22
N THR A 222 12.43 2.19 1.67
CA THR A 222 12.30 2.38 0.23
C THR A 222 12.90 3.74 -0.13
N LEU A 223 13.71 3.75 -1.18
CA LEU A 223 14.51 4.95 -1.50
C LEU A 223 14.15 5.54 -2.86
N GLY A 224 13.07 5.04 -3.46
CA GLY A 224 12.63 5.51 -4.76
C GLY A 224 13.58 5.07 -5.86
N LYS A 225 14.13 6.03 -6.59
CA LYS A 225 15.07 5.75 -7.66
C LYS A 225 16.33 5.15 -7.13
N GLN A 226 16.66 5.54 -5.91
CA GLN A 226 17.84 5.05 -5.20
C GLN A 226 17.73 3.59 -4.75
N GLY A 227 16.58 2.96 -4.98
CA GLY A 227 16.38 1.57 -4.68
C GLY A 227 15.77 1.31 -3.30
N THR A 228 16.30 0.29 -2.62
CA THR A 228 15.79 -0.13 -1.32
C THR A 228 16.93 -0.53 -0.37
N TYR A 229 16.87 -0.03 0.86
CA TYR A 229 17.77 -0.46 1.93
C TYR A 229 17.06 -1.41 2.90
N PHE A 230 17.76 -2.44 3.35
CA PHE A 230 17.23 -3.25 4.43
C PHE A 230 18.26 -3.61 5.52
N ALA A 231 17.74 -3.96 6.69
CA ALA A 231 18.57 -4.36 7.83
C ALA A 231 17.82 -5.31 8.76
N THR A 232 18.55 -6.27 9.32
CA THR A 232 18.12 -7.03 10.48
C THR A 232 19.26 -6.91 11.48
N LYS A 233 19.18 -7.63 12.60
CA LYS A 233 20.30 -7.66 13.54
C LYS A 233 21.54 -8.21 12.86
N ASN A 234 21.33 -9.15 11.92
CA ASN A 234 22.42 -9.84 11.19
C ASN A 234 22.79 -9.29 9.81
N GLN A 235 21.88 -8.57 9.16
CA GLN A 235 22.10 -8.14 7.79
C GLN A 235 21.99 -6.63 7.59
N SER A 236 22.65 -6.14 6.56
CA SER A 236 22.57 -4.74 6.17
C SER A 236 22.96 -4.67 4.71
N GLN A 237 21.99 -4.30 3.88
CA GLN A 237 22.21 -4.29 2.44
C GLN A 237 21.45 -3.15 1.75
N HIS A 238 22.06 -2.60 0.72
CA HIS A 238 21.43 -1.60 -0.13
C HIS A 238 21.28 -2.23 -1.52
N ILE A 239 20.05 -2.33 -2.00
CA ILE A 239 19.76 -2.98 -3.28
CA ILE A 239 19.84 -2.95 -3.31
C ILE A 239 19.21 -2.00 -4.32
N GLU A 240 19.76 -2.05 -5.53
CA GLU A 240 19.36 -1.15 -6.61
C GLU A 240 17.98 -1.48 -7.18
N ALA A 241 17.30 -0.42 -7.58
CA ALA A 241 15.98 -0.51 -8.19
C ALA A 241 16.06 -0.74 -9.70
N TYR A 242 14.91 -0.95 -10.32
CA TYR A 242 14.82 -1.03 -11.78
C TYR A 242 14.30 0.31 -12.31
N LYS A 243 13.23 0.26 -13.07
CA LYS A 243 12.63 1.48 -13.54
C LYS A 243 11.72 2.03 -12.47
N VAL A 244 11.98 3.25 -12.10
CA VAL A 244 11.20 3.91 -11.06
C VAL A 244 11.02 5.40 -11.31
N ASN A 245 9.77 5.86 -11.31
CA ASN A 245 9.52 7.30 -11.41
C ASN A 245 9.86 8.00 -10.10
N ALA A 246 10.22 9.28 -10.20
CA ALA A 246 10.60 10.05 -9.02
C ALA A 246 9.44 10.20 -8.06
N ILE A 247 8.27 10.53 -8.60
CA ILE A 247 7.05 10.54 -7.84
C ILE A 247 6.24 9.27 -8.19
N ASP A 248 5.82 8.52 -7.17
CA ASP A 248 4.99 7.34 -7.41
C ASP A 248 3.60 7.76 -7.86
N THR A 249 3.21 7.37 -9.06
CA THR A 249 1.90 7.73 -9.59
C THR A 249 1.23 6.59 -10.24
N THR A 250 1.78 5.41 -10.04
CA THR A 250 1.28 4.20 -10.66
C THR A 250 1.08 3.07 -9.63
N ALA A 251 0.91 3.43 -8.37
CA ALA A 251 0.83 2.43 -7.30
C ALA A 251 2.06 1.52 -7.27
N ALA A 252 3.24 2.09 -7.57
CA ALA A 252 4.48 1.32 -7.60
C ALA A 252 4.89 0.88 -6.20
N GLY A 253 4.85 1.82 -5.26
CA GLY A 253 5.16 1.55 -3.86
C GLY A 253 4.34 0.39 -3.29
N ASP A 254 3.03 0.45 -3.54
CA ASP A 254 2.13 -0.57 -3.01
C ASP A 254 2.36 -1.88 -3.69
N THR A 255 2.68 -1.81 -4.99
CA THR A 255 2.99 -2.99 -5.78
C THR A 255 4.29 -3.65 -5.27
N PHE A 256 5.25 -2.84 -4.85
CA PHE A 256 6.49 -3.38 -4.28
C PHE A 256 6.18 -4.18 -3.00
N ILE A 257 5.37 -3.60 -2.13
CA ILE A 257 5.01 -4.24 -0.86
C ILE A 257 4.23 -5.53 -1.07
N GLY A 258 3.29 -5.51 -2.02
CA GLY A 258 2.47 -6.67 -2.25
C GLY A 258 3.30 -7.83 -2.70
N ALA A 259 4.21 -7.54 -3.63
CA ALA A 259 5.04 -8.56 -4.25
C ALA A 259 6.12 -9.03 -3.28
N PHE A 260 6.71 -8.08 -2.56
CA PHE A 260 7.72 -8.38 -1.53
C PHE A 260 7.16 -9.43 -0.60
N VAL A 261 5.99 -9.13 -0.03
CA VAL A 261 5.34 -10.07 0.90
C VAL A 261 4.95 -11.41 0.26
N SER A 262 4.55 -11.39 -1.02
CA SER A 262 4.20 -12.63 -1.72
C SER A 262 5.40 -13.59 -1.82
N ARG A 263 6.59 -13.01 -1.84
CA ARG A 263 7.82 -13.74 -2.13
C ARG A 263 8.60 -14.11 -0.87
N LEU A 264 8.38 -13.37 0.22
CA LEU A 264 9.12 -13.57 1.47
C LEU A 264 8.84 -14.94 2.09
N ASN A 265 9.91 -15.68 2.40
CA ASN A 265 9.75 -16.92 3.15
C ASN A 265 9.44 -16.58 4.60
N LYS A 266 8.73 -17.47 5.29
CA LYS A 266 8.40 -17.21 6.69
C LYS A 266 9.67 -16.97 7.51
N SER A 267 10.69 -17.78 7.22
CA SER A 267 11.98 -17.71 7.89
C SER A 267 12.72 -16.40 7.61
N GLN A 268 12.25 -15.66 6.60
CA GLN A 268 12.90 -14.43 6.15
C GLN A 268 14.37 -14.64 5.76
N ASP A 269 14.69 -15.81 5.23
CA ASP A 269 16.07 -16.14 4.84
C ASP A 269 16.37 -15.60 3.44
N ASN A 270 15.35 -15.06 2.78
CA ASN A 270 15.46 -14.55 1.41
C ASN A 270 15.03 -13.09 1.28
N LEU A 271 15.44 -12.27 2.23
CA LEU A 271 15.13 -10.85 2.20
C LEU A 271 15.53 -10.19 0.88
N ALA A 272 16.77 -10.37 0.47
CA ALA A 272 17.27 -9.70 -0.75
C ALA A 272 16.56 -10.20 -2.03
N ASP A 273 16.30 -11.50 -2.11
CA ASP A 273 15.56 -12.05 -3.25
C ASP A 273 14.13 -11.51 -3.31
N ALA A 274 13.45 -11.48 -2.16
CA ALA A 274 12.10 -10.95 -2.08
C ALA A 274 12.08 -9.47 -2.44
N ILE A 275 13.09 -8.73 -2.00
CA ILE A 275 13.18 -7.31 -2.32
C ILE A 275 13.43 -7.07 -3.82
N ASP A 276 14.18 -7.98 -4.42
CA ASP A 276 14.45 -7.96 -5.86
C ASP A 276 13.16 -8.16 -6.64
N PHE A 277 12.46 -9.24 -6.33
CA PHE A 277 11.16 -9.54 -6.90
C PHE A 277 10.15 -8.40 -6.74
N GLY A 278 10.15 -7.78 -5.56
CA GLY A 278 9.28 -6.64 -5.29
C GLY A 278 9.63 -5.47 -6.20
N ASN A 279 10.91 -5.24 -6.40
CA ASN A 279 11.37 -4.15 -7.26
C ASN A 279 11.07 -4.44 -8.73
N LYS A 280 11.08 -5.72 -9.11
CA LYS A 280 10.65 -6.11 -10.46
C LYS A 280 9.18 -5.75 -10.65
N ALA A 281 8.32 -6.35 -9.84
CA ALA A 281 6.88 -6.12 -9.92
C ALA A 281 6.62 -4.63 -10.04
N SER A 282 7.25 -3.85 -9.17
CA SER A 282 7.08 -2.40 -9.17
C SER A 282 7.46 -1.71 -10.50
N SER A 283 8.49 -2.22 -11.19
CA SER A 283 8.98 -1.54 -12.39
C SER A 283 7.99 -1.70 -13.56
N LEU A 284 7.38 -2.88 -13.66
CA LEU A 284 6.32 -3.19 -14.62
C LEU A 284 5.18 -2.19 -14.61
N THR A 285 5.09 -1.37 -13.56
CA THR A 285 3.99 -0.44 -13.45
C THR A 285 4.28 0.84 -14.14
N VAL A 286 5.53 1.17 -14.33
CA VAL A 286 5.86 2.39 -15.04
C VAL A 286 6.28 2.09 -16.47
N GLN A 287 6.01 0.85 -16.90
CA GLN A 287 6.44 0.36 -18.20
C GLN A 287 5.46 0.67 -19.33
N LYS A 288 5.95 1.25 -20.42
CA LYS A 288 5.24 1.63 -21.64
CA LYS A 288 5.09 1.57 -21.53
C LYS A 288 4.82 0.39 -22.43
N HIS A 289 3.63 0.33 -22.97
CA HIS A 289 3.20 -0.83 -23.74
C HIS A 289 3.20 -0.65 -25.27
N GLY A 290 3.14 0.59 -25.73
CA GLY A 290 3.17 0.85 -27.15
C GLY A 290 1.79 0.99 -27.77
N ALA A 291 1.72 1.72 -28.87
CA ALA A 291 0.45 2.01 -29.52
C ALA A 291 -0.33 0.76 -29.99
N GLN A 292 0.31 -0.16 -30.71
CA GLN A 292 -0.42 -1.30 -31.26
C GLN A 292 -1.06 -2.10 -30.17
N ALA A 293 -0.38 -2.13 -29.02
CA ALA A 293 -0.81 -2.93 -27.89
C ALA A 293 -2.16 -2.44 -27.35
N SER A 294 -2.40 -1.14 -27.48
CA SER A 294 -3.63 -0.56 -26.98
C SER A 294 -4.70 -0.35 -28.05
N ILE A 295 -4.45 -0.86 -29.25
CA ILE A 295 -5.51 -0.91 -30.26
C ILE A 295 -6.55 -1.89 -29.74
N PRO A 296 -7.79 -1.39 -29.51
CA PRO A 296 -8.91 -2.08 -28.84
C PRO A 296 -9.51 -3.30 -29.55
N LEU A 297 -10.19 -4.13 -28.78
CA LEU A 297 -10.94 -5.26 -29.30
C LEU A 297 -12.42 -4.88 -29.49
N LEU A 298 -13.09 -5.60 -30.38
CA LEU A 298 -14.51 -5.40 -30.62
C LEU A 298 -15.31 -5.25 -29.31
N GLU A 299 -15.15 -6.18 -28.37
CA GLU A 299 -15.93 -6.10 -27.14
C GLU A 299 -15.78 -4.77 -26.50
N GLU A 300 -14.58 -4.30 -26.34
CA GLU A 300 -14.38 -3.02 -25.70
C GLU A 300 -15.03 -1.84 -26.40
N VAL A 301 -15.18 -1.89 -27.70
CA VAL A 301 -15.79 -0.76 -28.44
C VAL A 301 -17.31 -0.83 -28.36
N ASN A 302 -17.83 -2.03 -28.28
CA ASN A 302 -19.24 -2.23 -28.19
C ASN A 302 -19.79 -1.66 -26.92
N GLN A 303 -18.92 -1.48 -25.93
CA GLN A 303 -19.27 -0.94 -24.64
C GLN A 303 -19.23 0.57 -24.58
N VAL A 304 -18.61 1.22 -25.54
CA VAL A 304 -18.46 2.66 -25.47
C VAL A 304 -19.83 3.33 -25.40
C1 GOL B . -4.00 7.17 -2.40
O1 GOL B . -4.06 6.18 -1.38
C2 GOL B . -4.92 6.75 -3.55
O2 GOL B . -6.24 6.80 -3.04
C3 GOL B . -4.59 5.30 -3.86
O3 GOL B . -4.31 5.12 -5.24
C1 GOL C . -21.94 -6.15 4.00
O1 GOL C . -21.56 -7.08 3.03
C2 GOL C . -20.93 -6.23 5.13
O2 GOL C . -20.78 -7.56 5.53
C3 GOL C . -21.37 -5.41 6.31
O3 GOL C . -20.48 -5.67 7.36
C1 GOL D . -23.41 -10.06 3.05
O1 GOL D . -23.44 -8.81 2.45
C2 GOL D . -22.22 -10.80 2.51
O2 GOL D . -22.57 -11.42 1.31
C3 GOL D . -21.75 -11.86 3.48
O3 GOL D . -20.35 -11.74 3.63
#